data_8S13
#
_entry.id   8S13
#
_cell.length_a   99.280
_cell.length_b   69.320
_cell.length_c   56.130
_cell.angle_alpha   90.000
_cell.angle_beta   117.720
_cell.angle_gamma   90.000
#
_symmetry.space_group_name_H-M   'C 1 2 1'
#
loop_
_entity.id
_entity.type
_entity.pdbx_description
1 polymer 'Mast/stem cell growth factor receptor Kit'
2 non-polymer 1,2-ETHANEDIOL
3 water water
#
_entity_poly.entity_id   1
_entity_poly.type   'polypeptide(L)'
_entity_poly.pdbx_seq_one_letter_code
;GSMPMYEVQWKVVEESNGNNYSYIDPTQLPYDHKWEFPRNRLSFGKTLGAGAFGKVVEATAQGLIKSDAAMTVAVKMLKP
SAHSTEREALMSELKVLSYLGNHENIVNLLGACTHGGPTLVITEYCCYGDLLNFLRRKRDEFVPYKVAPEDLYKDFLTLE
HLLSFSYQVAKGMAFLASKNCIHRDLAARNILLTHGNITKICDFGLARDIKNDSNYVDKGNARLPVKWMAPESIFNSVYT
FESDVWSYGIFLWELFSLGSSPYPGMPVDSKFYKMIKEGFRMSSPEYAPAEMYDIMKTCWDADPDKRPTFKQIVQDIEKQ
ISESTNH
;
_entity_poly.pdbx_strand_id   A
#
loop_
_chem_comp.id
_chem_comp.type
_chem_comp.name
_chem_comp.formula
EDO non-polymer 1,2-ETHANEDIOL 'C2 H6 O2'
#
# COMPACT_ATOMS: atom_id res chain seq x y z
N GLU A 7 -2.97 -9.63 -11.83
CA GLU A 7 -1.99 -9.64 -10.75
C GLU A 7 -2.02 -8.35 -9.95
N VAL A 8 -2.37 -8.45 -8.66
CA VAL A 8 -2.49 -7.30 -7.77
C VAL A 8 -1.10 -6.80 -7.39
N GLN A 9 -0.64 -5.71 -8.02
CA GLN A 9 0.67 -5.14 -7.75
C GLN A 9 0.76 -3.76 -8.39
N TRP A 10 1.87 -3.08 -8.16
CA TRP A 10 2.10 -1.73 -8.67
C TRP A 10 2.32 -1.75 -10.18
N LYS A 11 2.01 -0.62 -10.82
CA LYS A 11 2.27 -0.45 -12.24
C LYS A 11 2.80 0.95 -12.49
N VAL A 12 3.85 1.05 -13.30
CA VAL A 12 4.30 2.32 -13.85
C VAL A 12 3.65 2.48 -15.21
N VAL A 13 3.17 3.68 -15.51
CA VAL A 13 2.42 3.92 -16.74
C VAL A 13 3.18 4.94 -17.59
N GLU A 14 2.94 4.86 -18.90
CA GLU A 14 3.51 5.78 -19.87
C GLU A 14 2.39 6.31 -20.74
N GLU A 15 2.57 7.55 -21.23
CA GLU A 15 1.59 8.15 -22.12
C GLU A 15 1.49 7.34 -23.40
N SER A 16 0.26 7.08 -23.84
CA SER A 16 0.02 6.29 -25.03
C SER A 16 -0.58 7.15 -26.15
N ASN A 20 -4.48 9.25 -21.90
CA ASN A 20 -4.28 7.87 -22.32
C ASN A 20 -2.94 7.31 -21.85
N TYR A 21 -2.98 6.47 -20.82
CA TYR A 21 -1.81 5.79 -20.30
C TYR A 21 -1.96 4.29 -20.51
N SER A 22 -0.83 3.59 -20.50
CA SER A 22 -0.81 2.14 -20.47
C SER A 22 0.34 1.69 -19.58
N TYR A 23 0.16 0.52 -18.97
CA TYR A 23 1.22 -0.05 -18.14
C TYR A 23 2.49 -0.25 -18.96
N ILE A 24 3.63 0.04 -18.36
CA ILE A 24 4.90 -0.35 -18.95
C ILE A 24 5.19 -1.78 -18.55
N ASP A 25 5.93 -2.48 -19.39
CA ASP A 25 6.45 -3.80 -19.06
C ASP A 25 7.65 -3.59 -18.14
N PRO A 26 7.53 -3.94 -16.85
CA PRO A 26 8.62 -3.62 -15.91
C PRO A 26 9.92 -4.36 -16.18
N THR A 27 9.90 -5.46 -16.95
CA THR A 27 11.14 -6.13 -17.34
C THR A 27 12.02 -5.20 -18.18
N GLN A 28 11.42 -4.25 -18.86
CA GLN A 28 12.16 -3.33 -19.73
C GLN A 28 12.80 -2.17 -18.97
N LEU A 29 12.55 -2.04 -17.66
CA LEU A 29 13.23 -1.03 -16.87
C LEU A 29 14.68 -1.42 -16.64
N PRO A 30 15.57 -0.46 -16.48
CA PRO A 30 16.98 -0.79 -16.24
C PRO A 30 17.24 -1.15 -14.79
N TYR A 31 18.18 -2.07 -14.59
CA TYR A 31 18.67 -2.40 -13.26
C TYR A 31 20.10 -1.88 -13.15
N ASP A 32 20.30 -0.84 -12.34
CA ASP A 32 21.62 -0.30 -12.10
C ASP A 32 22.35 -1.15 -11.05
N HIS A 33 23.54 -1.62 -11.41
CA HIS A 33 24.29 -2.50 -10.52
C HIS A 33 24.86 -1.79 -9.30
N LYS A 34 24.63 -0.48 -9.13
CA LYS A 34 25.02 0.17 -7.89
C LYS A 34 24.32 -0.46 -6.68
N TRP A 35 23.16 -1.08 -6.91
CA TRP A 35 22.42 -1.70 -5.83
C TRP A 35 23.04 -3.00 -5.35
N GLU A 36 23.94 -3.58 -6.14
CA GLU A 36 24.48 -4.89 -5.81
C GLU A 36 25.19 -4.85 -4.47
N PHE A 37 24.99 -5.91 -3.68
CA PHE A 37 25.46 -5.99 -2.31
C PHE A 37 25.98 -7.40 -2.07
N PRO A 38 27.11 -7.55 -1.38
CA PRO A 38 27.69 -8.89 -1.19
C PRO A 38 26.75 -9.79 -0.40
N ARG A 39 26.41 -10.93 -1.00
CA ARG A 39 25.49 -11.88 -0.37
C ARG A 39 26.02 -12.38 0.98
N ASN A 40 27.34 -12.53 1.11
CA ASN A 40 27.92 -13.10 2.32
C ASN A 40 27.77 -12.19 3.54
N ARG A 41 27.48 -10.91 3.34
CA ARG A 41 27.32 -9.96 4.44
C ARG A 41 25.89 -9.94 4.97
N LEU A 42 25.09 -10.95 4.66
CA LEU A 42 23.72 -11.07 5.15
C LEU A 42 23.64 -12.19 6.17
N SER A 43 23.14 -11.87 7.35
CA SER A 43 22.77 -12.85 8.36
C SER A 43 21.26 -12.84 8.50
N PHE A 44 20.63 -13.96 8.17
CA PHE A 44 19.18 -14.04 8.14
C PHE A 44 18.63 -14.38 9.52
N GLY A 45 17.47 -13.80 9.84
CA GLY A 45 16.80 -14.07 11.08
C GLY A 45 15.42 -14.68 10.90
N LYS A 46 14.42 -14.14 11.60
CA LYS A 46 13.08 -14.68 11.55
C LYS A 46 12.38 -14.32 10.25
N THR A 47 11.46 -15.20 9.83
CA THR A 47 10.64 -14.95 8.66
C THR A 47 9.50 -14.01 9.04
N LEU A 48 9.46 -12.83 8.40
CA LEU A 48 8.44 -11.83 8.73
C LEU A 48 7.12 -12.09 8.03
N GLY A 49 7.15 -12.71 6.86
CA GLY A 49 5.95 -12.98 6.10
C GLY A 49 6.27 -13.90 4.95
N ALA A 50 5.22 -14.54 4.42
CA ALA A 50 5.43 -15.53 3.37
C ALA A 50 4.15 -15.71 2.56
N GLY A 51 4.31 -15.80 1.24
CA GLY A 51 3.23 -16.11 0.34
C GLY A 51 3.34 -17.52 -0.23
N ALA A 52 2.69 -17.73 -1.37
CA ALA A 52 2.77 -19.04 -2.01
C ALA A 52 4.13 -19.26 -2.66
N PHE A 53 4.76 -18.19 -3.16
CA PHE A 53 5.99 -18.31 -3.92
C PHE A 53 7.17 -17.54 -3.33
N GLY A 54 6.98 -16.79 -2.26
CA GLY A 54 8.08 -16.02 -1.72
C GLY A 54 7.88 -15.68 -0.26
N LYS A 55 8.87 -15.00 0.31
CA LYS A 55 8.83 -14.63 1.72
C LYS A 55 9.74 -13.43 1.94
N VAL A 56 9.46 -12.71 3.02
CA VAL A 56 10.33 -11.65 3.51
C VAL A 56 10.91 -12.12 4.84
N VAL A 57 12.22 -11.99 5.00
CA VAL A 57 12.91 -12.42 6.20
C VAL A 57 13.62 -11.22 6.81
N GLU A 58 13.65 -11.16 8.14
CA GLU A 58 14.48 -10.18 8.82
C GLU A 58 15.94 -10.57 8.66
N ALA A 59 16.80 -9.57 8.49
CA ALA A 59 18.21 -9.85 8.26
C ALA A 59 19.06 -8.71 8.80
N THR A 60 20.30 -9.06 9.15
CA THR A 60 21.31 -8.09 9.56
C THR A 60 22.26 -7.84 8.40
N ALA A 61 22.42 -6.57 8.04
CA ALA A 61 23.28 -6.16 6.93
C ALA A 61 24.53 -5.53 7.50
N GLN A 62 25.69 -6.09 7.16
CA GLN A 62 26.99 -5.61 7.63
C GLN A 62 27.55 -4.65 6.60
N GLY A 63 27.65 -3.37 6.96
CA GLY A 63 28.26 -2.38 6.10
C GLY A 63 27.35 -1.73 5.08
N LEU A 64 26.03 -1.82 5.26
CA LEU A 64 25.11 -1.22 4.32
C LEU A 64 24.83 0.23 4.67
N MET A 71 23.03 -2.90 10.19
CA MET A 71 21.64 -2.48 10.34
C MET A 71 20.66 -3.61 10.03
N THR A 72 19.47 -3.52 10.60
CA THR A 72 18.41 -4.52 10.38
C THR A 72 17.64 -4.16 9.12
N VAL A 73 17.44 -5.15 8.25
CA VAL A 73 16.76 -4.96 6.97
C VAL A 73 15.77 -6.10 6.76
N ALA A 74 14.90 -5.91 5.79
CA ALA A 74 14.00 -6.95 5.30
C ALA A 74 14.51 -7.42 3.93
N VAL A 75 14.55 -8.73 3.73
CA VAL A 75 15.05 -9.32 2.50
C VAL A 75 13.93 -10.14 1.88
N LYS A 76 13.53 -9.79 0.66
CA LYS A 76 12.52 -10.54 -0.08
C LYS A 76 13.20 -11.55 -0.99
N MET A 77 12.65 -12.77 -1.02
CA MET A 77 13.24 -13.86 -1.78
C MET A 77 12.13 -14.80 -2.23
N LEU A 78 12.46 -15.66 -3.18
CA LEU A 78 11.49 -16.63 -3.65
C LEU A 78 11.65 -17.95 -2.89
N LYS A 79 10.58 -18.72 -2.88
CA LYS A 79 10.60 -20.06 -2.32
C LYS A 79 11.06 -21.05 -3.39
N PRO A 80 11.60 -22.21 -2.97
CA PRO A 80 12.20 -23.13 -3.95
C PRO A 80 11.26 -23.62 -5.04
N SER A 81 9.94 -23.52 -4.86
CA SER A 81 8.99 -23.99 -5.86
C SER A 81 8.63 -22.93 -6.89
N ALA A 82 9.29 -21.78 -6.87
CA ALA A 82 8.93 -20.71 -7.78
C ALA A 82 9.30 -21.05 -9.22
N HIS A 83 8.41 -20.70 -10.15
CA HIS A 83 8.65 -20.96 -11.56
C HIS A 83 9.55 -19.87 -12.15
N SER A 84 9.89 -20.02 -13.43
CA SER A 84 10.77 -19.08 -14.09
C SER A 84 10.17 -17.67 -14.13
N THR A 85 8.85 -17.58 -14.33
CA THR A 85 8.21 -16.28 -14.46
C THR A 85 8.26 -15.50 -13.15
N GLU A 86 8.32 -16.19 -12.01
CA GLU A 86 8.33 -15.49 -10.73
C GLU A 86 9.72 -14.97 -10.37
N ARG A 87 10.78 -15.69 -10.77
CA ARG A 87 12.12 -15.12 -10.68
C ARG A 87 12.20 -13.84 -11.49
N GLU A 88 11.60 -13.85 -12.69
CA GLU A 88 11.54 -12.63 -13.49
C GLU A 88 10.73 -11.55 -12.76
N ALA A 89 9.63 -11.94 -12.12
CA ALA A 89 8.78 -10.96 -11.43
C ALA A 89 9.51 -10.30 -10.26
N LEU A 90 10.30 -11.08 -9.51
CA LEU A 90 11.09 -10.49 -8.43
C LEU A 90 12.13 -9.53 -8.99
N MET A 91 12.73 -9.87 -10.13
CA MET A 91 13.64 -8.95 -10.78
C MET A 91 12.94 -7.66 -11.20
N SER A 92 11.71 -7.77 -11.72
CA SER A 92 10.97 -6.59 -12.12
C SER A 92 10.55 -5.74 -10.93
N GLU A 93 10.31 -6.39 -9.78
CA GLU A 93 10.04 -5.66 -8.55
C GLU A 93 11.24 -4.81 -8.15
N LEU A 94 12.45 -5.38 -8.27
CA LEU A 94 13.66 -4.63 -8.01
C LEU A 94 13.84 -3.49 -8.99
N LYS A 95 13.49 -3.72 -10.26
CA LYS A 95 13.61 -2.66 -11.26
C LYS A 95 12.66 -1.50 -10.99
N VAL A 96 11.44 -1.81 -10.51
CA VAL A 96 10.47 -0.75 -10.22
C VAL A 96 10.92 0.07 -9.01
N LEU A 97 11.38 -0.61 -7.95
CA LEU A 97 11.87 0.11 -6.77
C LEU A 97 13.06 0.99 -7.13
N SER A 98 13.98 0.49 -7.95
CA SER A 98 15.14 1.30 -8.36
CA SER A 98 15.13 1.31 -8.34
C SER A 98 14.71 2.48 -9.21
N TYR A 99 13.70 2.30 -10.06
CA TYR A 99 13.20 3.40 -10.87
C TYR A 99 12.52 4.47 -10.00
N LEU A 100 11.77 4.04 -8.98
CA LEU A 100 10.99 4.99 -8.19
C LEU A 100 11.87 5.96 -7.43
N GLY A 101 13.00 5.48 -6.94
CA GLY A 101 13.82 6.32 -6.11
C GLY A 101 13.38 6.27 -4.67
N ASN A 102 13.87 7.24 -3.91
CA ASN A 102 13.75 7.24 -2.46
C ASN A 102 12.69 8.23 -1.99
N HIS A 103 11.87 7.79 -1.03
CA HIS A 103 10.94 8.68 -0.36
C HIS A 103 10.70 8.14 1.05
N GLU A 104 10.51 9.06 1.99
CA GLU A 104 10.37 8.68 3.40
C GLU A 104 9.15 7.79 3.63
N ASN A 105 8.08 7.99 2.87
CA ASN A 105 6.81 7.31 3.14
C ASN A 105 6.55 6.12 2.20
N ILE A 106 7.60 5.54 1.63
CA ILE A 106 7.51 4.23 1.01
C ILE A 106 8.60 3.36 1.63
N VAL A 107 8.40 2.04 1.56
CA VAL A 107 9.47 1.11 1.91
C VAL A 107 10.53 1.18 0.81
N ASN A 108 11.71 1.66 1.17
CA ASN A 108 12.73 1.99 0.19
C ASN A 108 13.65 0.81 -0.09
N LEU A 109 14.11 0.75 -1.34
CA LEU A 109 15.16 -0.18 -1.72
C LEU A 109 16.49 0.24 -1.10
N LEU A 110 17.19 -0.74 -0.54
CA LEU A 110 18.50 -0.51 0.05
C LEU A 110 19.64 -1.17 -0.71
N GLY A 111 19.42 -2.37 -1.22
CA GLY A 111 20.42 -3.10 -1.96
C GLY A 111 19.78 -4.32 -2.59
N ALA A 112 20.61 -5.09 -3.29
CA ALA A 112 20.11 -6.30 -3.93
C ALA A 112 21.26 -7.27 -4.17
N CYS A 113 20.90 -8.55 -4.25
CA CYS A 113 21.83 -9.62 -4.63
C CYS A 113 21.25 -10.35 -5.83
N THR A 114 21.84 -10.14 -7.01
CA THR A 114 21.36 -10.74 -8.24
C THR A 114 22.24 -11.86 -8.79
N HIS A 115 23.55 -11.84 -8.52
CA HIS A 115 24.45 -12.88 -8.99
C HIS A 115 25.12 -13.58 -7.81
N GLY A 116 25.55 -14.81 -8.05
CA GLY A 116 26.03 -15.68 -6.99
C GLY A 116 24.97 -16.54 -6.35
N GLY A 117 23.74 -16.50 -6.86
CA GLY A 117 22.65 -17.27 -6.29
C GLY A 117 21.30 -16.68 -6.63
N PRO A 118 20.25 -17.11 -5.92
CA PRO A 118 18.92 -16.60 -6.20
C PRO A 118 18.77 -15.15 -5.77
N THR A 119 17.81 -14.47 -6.39
CA THR A 119 17.70 -13.03 -6.25
C THR A 119 17.18 -12.64 -4.86
N LEU A 120 17.82 -11.65 -4.26
CA LEU A 120 17.43 -11.12 -2.95
C LEU A 120 17.24 -9.62 -3.08
N VAL A 121 16.11 -9.12 -2.57
CA VAL A 121 15.80 -7.69 -2.59
C VAL A 121 15.87 -7.18 -1.16
N ILE A 122 16.78 -6.23 -0.92
CA ILE A 122 17.03 -5.71 0.42
C ILE A 122 16.29 -4.38 0.57
N THR A 123 15.35 -4.33 1.51
CA THR A 123 14.52 -3.15 1.72
C THR A 123 14.59 -2.72 3.18
N GLU A 124 14.01 -1.56 3.46
CA GLU A 124 13.89 -1.06 4.81
C GLU A 124 12.99 -1.96 5.65
N TYR A 125 13.25 -2.00 6.95
CA TYR A 125 12.53 -2.83 7.90
C TYR A 125 11.65 -1.94 8.79
N CYS A 126 10.38 -2.31 8.93
CA CYS A 126 9.40 -1.56 9.73
C CYS A 126 8.96 -2.43 10.89
N CYS A 127 9.33 -2.04 12.11
CA CYS A 127 9.24 -2.95 13.25
C CYS A 127 7.82 -3.12 13.78
N TYR A 128 6.91 -2.19 13.49
CA TYR A 128 5.54 -2.28 14.00
C TYR A 128 4.59 -3.03 13.07
N GLY A 129 5.07 -3.56 11.95
CA GLY A 129 4.17 -4.33 11.11
C GLY A 129 3.22 -3.44 10.32
N ASP A 130 2.18 -4.07 9.77
CA ASP A 130 1.22 -3.35 8.95
C ASP A 130 0.30 -2.51 9.84
N LEU A 131 -0.18 -1.40 9.25
CA LEU A 131 -0.91 -0.41 10.03
C LEU A 131 -2.29 -0.93 10.46
N LEU A 132 -2.89 -1.84 9.68
CA LEU A 132 -4.22 -2.33 10.01
C LEU A 132 -4.20 -3.06 11.35
N ASN A 133 -3.31 -4.04 11.50
CA ASN A 133 -3.20 -4.76 12.77
C ASN A 133 -2.79 -3.84 13.91
N PHE A 134 -1.99 -2.81 13.62
CA PHE A 134 -1.63 -1.84 14.65
C PHE A 134 -2.86 -1.11 15.17
N LEU A 135 -3.70 -0.60 14.27
CA LEU A 135 -4.93 0.08 14.70
C LEU A 135 -5.81 -0.84 15.52
N ARG A 136 -6.01 -2.06 15.04
CA ARG A 136 -6.86 -3.00 15.77
C ARG A 136 -6.26 -3.30 17.14
N ARG A 137 -4.93 -3.33 17.22
CA ARG A 137 -4.23 -3.53 18.49
C ARG A 137 -4.50 -2.37 19.45
N LYS A 138 -4.52 -1.15 18.94
CA LYS A 138 -4.63 0.05 19.75
C LYS A 138 -6.06 0.55 19.89
N ARG A 139 -7.05 -0.25 19.48
CA ARG A 139 -8.42 0.28 19.39
C ARG A 139 -8.96 0.67 20.76
N ASP A 140 -8.77 -0.17 21.78
CA ASP A 140 -9.27 0.14 23.12
C ASP A 140 -8.28 0.94 23.95
N GLU A 141 -7.25 1.51 23.32
CA GLU A 141 -6.28 2.37 23.98
C GLU A 141 -6.21 3.72 23.28
N PHE A 142 -7.28 4.11 22.62
CA PHE A 142 -7.34 5.34 21.85
C PHE A 142 -8.12 6.40 22.63
N VAL A 143 -7.57 7.61 22.69
CA VAL A 143 -8.31 8.78 23.15
C VAL A 143 -8.12 9.86 22.09
N PRO A 144 -9.16 10.61 21.75
CA PRO A 144 -8.98 11.66 20.73
C PRO A 144 -7.94 12.71 21.12
N TYR A 145 -7.94 13.14 22.38
CA TYR A 145 -7.01 14.15 22.86
C TYR A 145 -6.51 13.73 24.24
N LYS A 146 -5.28 14.13 24.57
CA LYS A 146 -4.70 13.82 25.86
C LYS A 146 -4.98 14.94 26.86
N ASP A 155 1.15 5.41 26.46
CA ASP A 155 1.28 5.66 25.04
C ASP A 155 -0.05 5.44 24.31
N PHE A 156 -1.00 6.34 24.54
CA PHE A 156 -2.28 6.26 23.84
C PHE A 156 -2.10 6.65 22.37
N LEU A 157 -2.86 5.97 21.51
CA LEU A 157 -3.05 6.48 20.16
C LEU A 157 -4.02 7.65 20.21
N THR A 158 -3.71 8.72 19.50
CA THR A 158 -4.52 9.92 19.55
C THR A 158 -4.93 10.36 18.15
N LEU A 159 -5.84 11.32 18.10
CA LEU A 159 -6.22 11.95 16.84
C LEU A 159 -5.01 12.58 16.15
N GLU A 160 -4.08 13.12 16.94
CA GLU A 160 -2.86 13.67 16.36
C GLU A 160 -2.11 12.61 15.55
N HIS A 161 -2.08 11.38 16.03
CA HIS A 161 -1.42 10.30 15.29
C HIS A 161 -2.16 9.98 14.00
N LEU A 162 -3.50 9.88 14.07
CA LEU A 162 -4.26 9.51 12.88
C LEU A 162 -4.13 10.58 11.80
N LEU A 163 -4.09 11.85 12.20
CA LEU A 163 -3.87 12.92 11.21
C LEU A 163 -2.51 12.79 10.55
N SER A 164 -1.47 12.55 11.36
CA SER A 164 -0.13 12.37 10.80
C SER A 164 -0.09 11.17 9.85
N PHE A 165 -0.72 10.05 10.22
CA PHE A 165 -0.76 8.90 9.34
C PHE A 165 -1.45 9.24 8.01
N SER A 166 -2.60 9.91 8.07
CA SER A 166 -3.28 10.31 6.85
C SER A 166 -2.37 11.19 5.99
N TYR A 167 -1.62 12.08 6.65
CA TYR A 167 -0.74 13.01 5.96
C TYR A 167 0.39 12.28 5.26
N GLN A 168 1.03 11.34 5.97
CA GLN A 168 2.18 10.64 5.42
C GLN A 168 1.80 9.72 4.27
N VAL A 169 0.66 9.02 4.39
CA VAL A 169 0.24 8.15 3.31
C VAL A 169 -0.10 8.98 2.07
N ALA A 170 -0.71 10.16 2.27
CA ALA A 170 -0.99 11.03 1.13
C ALA A 170 0.30 11.52 0.48
N LYS A 171 1.31 11.84 1.30
CA LYS A 171 2.61 12.25 0.74
C LYS A 171 3.24 11.12 -0.04
N GLY A 172 3.25 9.91 0.53
CA GLY A 172 3.80 8.78 -0.19
C GLY A 172 3.06 8.48 -1.49
N MET A 173 1.74 8.61 -1.47
CA MET A 173 0.97 8.37 -2.69
C MET A 173 1.18 9.49 -3.70
N ALA A 174 1.31 10.73 -3.23
CA ALA A 174 1.67 11.82 -4.11
C ALA A 174 3.02 11.56 -4.79
N PHE A 175 3.95 10.98 -4.04
CA PHE A 175 5.26 10.66 -4.61
C PHE A 175 5.13 9.58 -5.69
N LEU A 176 4.39 8.51 -5.40
CA LEU A 176 4.20 7.47 -6.41
C LEU A 176 3.53 8.03 -7.65
N ALA A 177 2.50 8.85 -7.47
CA ALA A 177 1.82 9.44 -8.62
C ALA A 177 2.76 10.32 -9.44
N SER A 178 3.64 11.07 -8.77
CA SER A 178 4.58 11.92 -9.50
C SER A 178 5.58 11.12 -10.30
N LYS A 179 5.77 9.84 -9.98
CA LYS A 179 6.61 8.94 -10.76
C LYS A 179 5.79 8.11 -11.74
N ASN A 180 4.56 8.53 -12.04
CA ASN A 180 3.66 7.84 -12.96
C ASN A 180 3.43 6.40 -12.53
N CYS A 181 3.26 6.18 -11.23
CA CYS A 181 3.06 4.85 -10.65
C CYS A 181 1.70 4.83 -9.96
N ILE A 182 0.94 3.77 -10.21
CA ILE A 182 -0.36 3.58 -9.59
C ILE A 182 -0.30 2.32 -8.75
N HIS A 183 -0.86 2.39 -7.56
CA HIS A 183 -0.67 1.33 -6.58
C HIS A 183 -1.59 0.15 -6.86
N ARG A 184 -2.88 0.43 -7.03
CA ARG A 184 -3.96 -0.51 -7.36
C ARG A 184 -4.41 -1.35 -6.17
N ASP A 185 -3.75 -1.27 -5.02
CA ASP A 185 -4.15 -2.05 -3.87
C ASP A 185 -3.89 -1.26 -2.58
N LEU A 186 -4.22 0.02 -2.59
CA LEU A 186 -3.97 0.84 -1.42
C LEU A 186 -4.96 0.47 -0.33
N ALA A 187 -4.45 0.19 0.86
CA ALA A 187 -5.25 -0.27 2.00
C ALA A 187 -4.36 -0.24 3.23
N ALA A 188 -5.01 -0.19 4.40
CA ALA A 188 -4.23 -0.11 5.64
C ALA A 188 -3.36 -1.33 5.84
N ARG A 189 -3.77 -2.48 5.29
CA ARG A 189 -2.94 -3.68 5.34
C ARG A 189 -1.64 -3.55 4.55
N ASN A 190 -1.55 -2.59 3.63
CA ASN A 190 -0.35 -2.39 2.84
C ASN A 190 0.43 -1.15 3.25
N ILE A 191 0.22 -0.66 4.47
CA ILE A 191 0.99 0.43 5.04
C ILE A 191 1.74 -0.13 6.25
N LEU A 192 3.04 0.10 6.30
CA LEU A 192 3.86 -0.33 7.42
C LEU A 192 4.18 0.86 8.30
N LEU A 193 4.32 0.59 9.61
CA LEU A 193 4.62 1.61 10.60
C LEU A 193 5.98 1.32 11.22
N THR A 194 6.84 2.33 11.28
CA THR A 194 8.18 2.19 11.85
C THR A 194 8.35 3.17 13.01
N HIS A 195 9.58 3.32 13.48
CA HIS A 195 9.87 4.17 14.63
C HIS A 195 9.54 5.63 14.32
N GLY A 196 9.28 6.39 15.36
CA GLY A 196 8.80 7.75 15.21
C GLY A 196 7.50 7.91 14.46
N ASN A 197 6.67 6.86 14.38
CA ASN A 197 5.35 6.95 13.75
C ASN A 197 5.46 7.37 12.30
N ILE A 198 6.44 6.82 11.58
CA ILE A 198 6.56 6.99 10.14
C ILE A 198 5.82 5.85 9.45
N THR A 199 4.87 6.19 8.59
CA THR A 199 4.15 5.19 7.80
C THR A 199 4.77 5.10 6.41
N LYS A 200 4.88 3.88 5.90
CA LYS A 200 5.54 3.61 4.63
C LYS A 200 4.66 2.70 3.79
N ILE A 201 4.31 3.17 2.59
CA ILE A 201 3.57 2.36 1.64
C ILE A 201 4.47 1.26 1.11
N CYS A 202 3.88 0.09 0.81
CA CYS A 202 4.65 -1.01 0.28
CA CYS A 202 4.65 -1.03 0.30
C CYS A 202 3.79 -1.84 -0.66
N ASP A 203 4.47 -2.75 -1.38
CA ASP A 203 3.86 -3.72 -2.28
C ASP A 203 4.47 -5.06 -1.88
N PHE A 204 3.72 -5.88 -1.14
CA PHE A 204 4.21 -7.20 -0.77
C PHE A 204 4.58 -8.01 -2.01
N GLY A 205 3.72 -7.99 -3.02
CA GLY A 205 4.00 -8.76 -4.22
C GLY A 205 3.95 -10.24 -3.92
N LEU A 206 5.05 -10.94 -4.25
CA LEU A 206 5.13 -12.38 -4.08
C LEU A 206 5.27 -12.80 -2.62
N ALA A 207 5.42 -11.87 -1.68
CA ALA A 207 5.52 -12.22 -0.27
C ALA A 207 4.16 -12.30 0.41
N ARG A 208 3.07 -12.16 -0.35
CA ARG A 208 1.73 -12.24 0.22
C ARG A 208 0.84 -12.99 -0.75
N ASP A 209 0.17 -14.02 -0.25
CA ASP A 209 -0.79 -14.79 -1.03
C ASP A 209 -2.20 -14.37 -0.59
N ILE A 210 -2.96 -13.79 -1.54
CA ILE A 210 -4.25 -13.20 -1.22
C ILE A 210 -5.37 -14.23 -1.12
N LYS A 211 -5.11 -15.50 -1.47
CA LYS A 211 -6.15 -16.52 -1.38
C LYS A 211 -6.56 -16.81 0.05
N ASN A 212 -5.72 -16.46 1.03
CA ASN A 212 -6.02 -16.67 2.44
C ASN A 212 -6.68 -15.47 3.10
N ASP A 213 -6.93 -14.39 2.36
CA ASP A 213 -7.44 -13.14 2.91
C ASP A 213 -8.87 -12.94 2.42
N SER A 214 -9.81 -12.89 3.36
CA SER A 214 -11.22 -12.66 3.02
C SER A 214 -11.47 -11.26 2.49
N ASN A 215 -10.51 -10.34 2.65
CA ASN A 215 -10.64 -9.00 2.09
C ASN A 215 -10.46 -8.98 0.58
N TYR A 216 -10.00 -10.09 -0.02
CA TYR A 216 -9.90 -10.23 -1.46
C TYR A 216 -11.00 -11.18 -1.92
N VAL A 217 -11.68 -10.81 -3.01
CA VAL A 217 -12.90 -11.47 -3.45
C VAL A 217 -12.69 -12.04 -4.85
N ASP A 218 -13.15 -13.27 -5.07
CA ASP A 218 -13.11 -13.86 -6.40
C ASP A 218 -14.06 -13.14 -7.34
N LYS A 219 -13.56 -12.80 -8.52
CA LYS A 219 -14.35 -12.10 -9.53
C LYS A 219 -13.77 -12.46 -10.88
N GLY A 220 -14.44 -13.35 -11.61
CA GLY A 220 -13.83 -13.98 -12.77
C GLY A 220 -12.76 -14.94 -12.31
N ASN A 221 -11.62 -14.96 -13.02
CA ASN A 221 -10.46 -15.69 -12.53
C ASN A 221 -9.70 -14.92 -11.46
N ALA A 222 -9.91 -13.60 -11.37
CA ALA A 222 -9.07 -12.77 -10.53
C ALA A 222 -9.56 -12.76 -9.07
N ARG A 223 -8.64 -12.40 -8.19
CA ARG A 223 -8.95 -12.15 -6.78
C ARG A 223 -8.64 -10.69 -6.50
N LEU A 224 -9.65 -9.93 -6.07
CA LEU A 224 -9.55 -8.49 -6.06
C LEU A 224 -10.05 -7.91 -4.75
N PRO A 225 -9.45 -6.80 -4.31
CA PRO A 225 -9.92 -6.12 -3.08
C PRO A 225 -11.10 -5.20 -3.38
N VAL A 226 -12.27 -5.83 -3.58
CA VAL A 226 -13.43 -5.14 -4.14
C VAL A 226 -13.84 -3.95 -3.28
N LYS A 227 -13.86 -4.12 -1.95
CA LYS A 227 -14.36 -3.06 -1.09
C LYS A 227 -13.45 -1.84 -1.05
N TRP A 228 -12.23 -1.93 -1.61
CA TRP A 228 -11.34 -0.80 -1.72
C TRP A 228 -11.31 -0.19 -3.12
N MET A 229 -11.98 -0.80 -4.10
CA MET A 229 -11.78 -0.42 -5.49
C MET A 229 -12.78 0.64 -5.94
N ALA A 230 -12.33 1.53 -6.81
CA ALA A 230 -13.22 2.52 -7.40
C ALA A 230 -14.21 1.82 -8.34
N PRO A 231 -15.39 2.42 -8.55
CA PRO A 231 -16.38 1.77 -9.43
C PRO A 231 -15.88 1.51 -10.84
N GLU A 232 -15.11 2.44 -11.42
CA GLU A 232 -14.59 2.22 -12.76
C GLU A 232 -13.59 1.07 -12.79
N SER A 233 -12.91 0.79 -11.67
CA SER A 233 -12.05 -0.38 -11.63
C SER A 233 -12.88 -1.67 -11.61
N ILE A 234 -13.96 -1.67 -10.84
CA ILE A 234 -14.79 -2.87 -10.68
C ILE A 234 -15.55 -3.17 -11.97
N PHE A 235 -16.24 -2.17 -12.51
CA PHE A 235 -17.18 -2.40 -13.60
C PHE A 235 -16.60 -2.12 -14.97
N ASN A 236 -15.42 -1.50 -15.06
CA ASN A 236 -14.81 -1.18 -16.34
C ASN A 236 -13.33 -1.54 -16.42
N SER A 237 -12.75 -2.17 -15.40
CA SER A 237 -11.34 -2.57 -15.37
C SER A 237 -10.40 -1.40 -15.59
N VAL A 238 -10.77 -0.21 -15.11
CA VAL A 238 -9.99 1.01 -15.32
C VAL A 238 -9.25 1.32 -14.02
N TYR A 239 -7.91 1.34 -14.09
CA TYR A 239 -7.06 1.71 -12.96
C TYR A 239 -6.27 2.94 -13.34
N THR A 240 -6.38 3.99 -12.52
CA THR A 240 -5.81 5.29 -12.83
C THR A 240 -5.30 5.92 -11.53
N PHE A 241 -4.65 7.07 -11.66
CA PHE A 241 -4.32 7.86 -10.47
C PHE A 241 -5.56 8.18 -9.67
N GLU A 242 -6.68 8.45 -10.34
CA GLU A 242 -7.91 8.78 -9.66
C GLU A 242 -8.51 7.57 -8.95
N SER A 243 -8.30 6.35 -9.45
CA SER A 243 -8.85 5.21 -8.71
C SER A 243 -8.03 4.94 -7.45
N ASP A 244 -6.73 5.27 -7.46
CA ASP A 244 -5.94 5.22 -6.23
C ASP A 244 -6.50 6.17 -5.17
N VAL A 245 -6.99 7.35 -5.58
CA VAL A 245 -7.56 8.31 -4.63
C VAL A 245 -8.82 7.73 -3.98
N TRP A 246 -9.67 7.06 -4.76
CA TRP A 246 -10.81 6.36 -4.17
C TRP A 246 -10.35 5.42 -3.06
N SER A 247 -9.37 4.55 -3.36
CA SER A 247 -8.90 3.61 -2.35
C SER A 247 -8.32 4.33 -1.14
N TYR A 248 -7.70 5.50 -1.35
CA TYR A 248 -7.20 6.26 -0.21
C TYR A 248 -8.35 6.68 0.70
N GLY A 249 -9.50 7.00 0.12
CA GLY A 249 -10.66 7.35 0.94
C GLY A 249 -11.14 6.18 1.78
N ILE A 250 -11.11 4.98 1.21
CA ILE A 250 -11.41 3.78 2.00
C ILE A 250 -10.37 3.61 3.11
N PHE A 251 -9.09 3.82 2.79
CA PHE A 251 -8.04 3.75 3.81
C PHE A 251 -8.32 4.73 4.95
N LEU A 252 -8.74 5.96 4.63
CA LEU A 252 -9.10 6.93 5.67
C LEU A 252 -10.21 6.38 6.55
N TRP A 253 -11.21 5.74 5.96
CA TRP A 253 -12.28 5.15 6.75
C TRP A 253 -11.74 4.09 7.70
N GLU A 254 -10.86 3.20 7.18
CA GLU A 254 -10.19 2.23 8.03
C GLU A 254 -9.45 2.91 9.17
N LEU A 255 -8.78 4.02 8.86
CA LEU A 255 -7.93 4.69 9.83
C LEU A 255 -8.74 5.30 10.96
N PHE A 256 -9.81 6.02 10.63
CA PHE A 256 -10.59 6.68 11.66
C PHE A 256 -11.69 5.80 12.24
N SER A 257 -11.85 4.58 11.74
CA SER A 257 -12.64 3.56 12.44
C SER A 257 -11.76 2.68 13.32
N LEU A 258 -10.46 2.98 13.41
CA LEU A 258 -9.51 2.19 14.18
C LEU A 258 -9.47 0.74 13.70
N GLY A 259 -9.36 0.57 12.39
CA GLY A 259 -9.11 -0.73 11.81
C GLY A 259 -10.35 -1.56 11.52
N SER A 260 -11.52 -0.95 11.45
CA SER A 260 -12.72 -1.69 11.09
CA SER A 260 -12.72 -1.69 11.09
C SER A 260 -12.69 -2.07 9.62
N SER A 261 -13.38 -3.16 9.29
CA SER A 261 -13.47 -3.56 7.90
C SER A 261 -14.46 -2.67 7.17
N PRO A 262 -14.17 -2.29 5.92
CA PRO A 262 -15.09 -1.41 5.19
C PRO A 262 -16.41 -2.11 4.89
N TYR A 263 -17.46 -1.30 4.73
CA TYR A 263 -18.83 -1.74 4.53
C TYR A 263 -19.16 -2.90 5.47
N PRO A 264 -19.04 -2.70 6.80
CA PRO A 264 -19.05 -3.82 7.73
C PRO A 264 -20.36 -4.58 7.72
N GLY A 265 -20.25 -5.91 7.69
CA GLY A 265 -21.40 -6.79 7.63
C GLY A 265 -22.01 -6.96 6.26
N MET A 266 -21.45 -6.34 5.23
CA MET A 266 -22.01 -6.44 3.89
C MET A 266 -21.28 -7.48 3.07
N PRO A 267 -21.96 -8.53 2.61
CA PRO A 267 -21.32 -9.44 1.66
C PRO A 267 -21.18 -8.78 0.29
N VAL A 268 -20.12 -9.15 -0.41
CA VAL A 268 -19.91 -8.69 -1.79
C VAL A 268 -20.80 -9.53 -2.68
N ASP A 269 -21.93 -8.97 -3.11
CA ASP A 269 -22.89 -9.67 -3.95
C ASP A 269 -23.47 -8.68 -4.95
N SER A 270 -24.50 -9.13 -5.68
CA SER A 270 -25.10 -8.26 -6.69
C SER A 270 -25.68 -7.00 -6.05
N LYS A 271 -26.26 -7.13 -4.86
CA LYS A 271 -26.82 -5.96 -4.19
C LYS A 271 -25.74 -4.94 -3.85
N PHE A 272 -24.57 -5.40 -3.40
CA PHE A 272 -23.49 -4.49 -3.05
C PHE A 272 -23.03 -3.69 -4.27
N TYR A 273 -22.79 -4.37 -5.39
CA TYR A 273 -22.36 -3.67 -6.61
C TYR A 273 -23.40 -2.66 -7.06
N LYS A 274 -24.67 -3.03 -6.99
CA LYS A 274 -25.73 -2.11 -7.39
C LYS A 274 -25.77 -0.88 -6.49
N MET A 275 -25.58 -1.06 -5.18
CA MET A 275 -25.62 0.08 -4.26
C MET A 275 -24.46 1.04 -4.54
N ILE A 276 -23.25 0.51 -4.71
CA ILE A 276 -22.10 1.36 -5.05
C ILE A 276 -22.36 2.10 -6.34
N LYS A 277 -22.87 1.40 -7.35
CA LYS A 277 -23.13 2.00 -8.65
C LYS A 277 -24.15 3.12 -8.56
N GLU A 278 -25.12 3.01 -7.65
CA GLU A 278 -26.16 4.02 -7.50
C GLU A 278 -25.81 5.11 -6.49
N GLY A 279 -24.57 5.15 -6.00
CA GLY A 279 -24.11 6.22 -5.15
C GLY A 279 -24.00 5.91 -3.67
N PHE A 280 -24.19 4.66 -3.27
CA PHE A 280 -24.07 4.33 -1.85
C PHE A 280 -22.61 4.46 -1.37
N ARG A 281 -22.43 5.09 -0.21
CA ARG A 281 -21.11 5.25 0.40
C ARG A 281 -21.24 5.01 1.90
N MET A 282 -20.09 4.71 2.52
CA MET A 282 -20.07 4.48 3.97
C MET A 282 -20.37 5.76 4.74
N SER A 283 -20.92 5.58 5.94
CA SER A 283 -21.10 6.66 6.89
C SER A 283 -19.76 7.05 7.51
N SER A 284 -19.75 8.19 8.20
CA SER A 284 -18.53 8.69 8.80
CA SER A 284 -18.51 8.68 8.79
C SER A 284 -18.12 7.82 9.98
N PRO A 285 -16.84 7.50 10.13
CA PRO A 285 -16.39 6.77 11.31
C PRO A 285 -16.61 7.60 12.56
N GLU A 286 -16.69 6.91 13.70
CA GLU A 286 -16.98 7.59 14.96
C GLU A 286 -15.97 8.70 15.26
N TYR A 287 -14.68 8.42 15.06
CA TYR A 287 -13.61 9.34 15.46
C TYR A 287 -13.09 10.20 14.33
N ALA A 288 -13.72 10.19 13.17
CA ALA A 288 -13.27 11.01 12.05
C ALA A 288 -13.69 12.45 12.26
N PRO A 289 -12.76 13.41 12.29
CA PRO A 289 -13.16 14.81 12.21
C PRO A 289 -13.96 15.07 10.95
N ALA A 290 -14.87 16.03 11.02
CA ALA A 290 -15.72 16.37 9.87
C ALA A 290 -14.88 16.74 8.65
N GLU A 291 -13.72 17.37 8.86
CA GLU A 291 -12.87 17.75 7.74
C GLU A 291 -12.30 16.52 7.05
N MET A 292 -12.03 15.46 7.82
CA MET A 292 -11.50 14.24 7.23
C MET A 292 -12.58 13.44 6.53
N TYR A 293 -13.82 13.48 7.04
CA TYR A 293 -14.92 12.85 6.33
C TYR A 293 -15.22 13.57 5.03
N ASP A 294 -15.06 14.91 5.01
CA ASP A 294 -15.20 15.66 3.77
C ASP A 294 -14.24 15.14 2.71
N ILE A 295 -13.01 14.81 3.12
CA ILE A 295 -12.03 14.29 2.15
C ILE A 295 -12.46 12.92 1.64
N MET A 296 -12.95 12.05 2.54
CA MET A 296 -13.44 10.75 2.12
C MET A 296 -14.52 10.88 1.07
N LYS A 297 -15.48 11.77 1.30
CA LYS A 297 -16.63 11.88 0.40
C LYS A 297 -16.19 12.33 -0.99
N THR A 298 -15.23 13.27 -1.07
CA THR A 298 -14.72 13.69 -2.37
C THR A 298 -13.87 12.61 -3.02
N CYS A 299 -13.12 11.82 -2.23
CA CYS A 299 -12.40 10.68 -2.79
C CYS A 299 -13.35 9.69 -3.45
N TRP A 300 -14.56 9.57 -2.91
CA TRP A 300 -15.55 8.61 -3.38
C TRP A 300 -16.54 9.22 -4.36
N ASP A 301 -16.16 10.30 -5.04
CA ASP A 301 -17.03 10.84 -6.09
C ASP A 301 -17.12 9.85 -7.24
N ALA A 302 -18.34 9.61 -7.72
CA ALA A 302 -18.52 8.71 -8.85
C ALA A 302 -17.76 9.21 -10.09
N ASP A 303 -17.59 10.53 -10.20
CA ASP A 303 -16.86 11.12 -11.32
C ASP A 303 -15.39 11.18 -10.95
N PRO A 304 -14.50 10.43 -11.61
CA PRO A 304 -13.08 10.51 -11.26
C PRO A 304 -12.50 11.90 -11.39
N ASP A 305 -13.08 12.75 -12.25
CA ASP A 305 -12.51 14.09 -12.45
C ASP A 305 -12.78 15.00 -11.27
N LYS A 306 -13.80 14.69 -10.47
CA LYS A 306 -14.14 15.52 -9.32
C LYS A 306 -13.36 15.13 -8.06
N ARG A 307 -12.69 13.98 -8.05
CA ARG A 307 -11.92 13.59 -6.89
C ARG A 307 -10.68 14.48 -6.76
N PRO A 308 -10.23 14.74 -5.53
CA PRO A 308 -9.00 15.49 -5.34
C PRO A 308 -7.80 14.67 -5.80
N THR A 309 -6.72 15.39 -6.11
CA THR A 309 -5.45 14.73 -6.30
C THR A 309 -4.79 14.48 -4.94
N PHE A 310 -3.78 13.62 -4.92
CA PHE A 310 -3.03 13.41 -3.69
C PHE A 310 -2.32 14.69 -3.26
N LYS A 311 -1.91 15.54 -4.20
CA LYS A 311 -1.27 16.80 -3.83
C LYS A 311 -2.26 17.73 -3.13
N GLN A 312 -3.52 17.77 -3.60
CA GLN A 312 -4.54 18.54 -2.89
C GLN A 312 -4.77 17.98 -1.50
N ILE A 313 -4.77 16.65 -1.36
CA ILE A 313 -5.04 16.03 -0.07
C ILE A 313 -3.92 16.35 0.92
N VAL A 314 -2.67 16.32 0.46
CA VAL A 314 -1.54 16.68 1.30
C VAL A 314 -1.71 18.10 1.83
N GLN A 315 -2.07 19.04 0.95
CA GLN A 315 -2.22 20.42 1.39
C GLN A 315 -3.41 20.58 2.34
N ASP A 316 -4.50 19.86 2.08
CA ASP A 316 -5.68 19.98 2.93
C ASP A 316 -5.40 19.46 4.33
N ILE A 317 -4.75 18.29 4.43
CA ILE A 317 -4.41 17.75 5.74
C ILE A 317 -3.36 18.62 6.42
N GLU A 318 -2.44 19.20 5.66
CA GLU A 318 -1.44 20.10 6.25
C GLU A 318 -2.12 21.27 6.94
N LYS A 319 -3.18 21.82 6.34
CA LYS A 319 -3.91 22.91 6.98
C LYS A 319 -4.63 22.43 8.23
N GLN A 320 -5.18 21.21 8.20
CA GLN A 320 -5.84 20.67 9.39
C GLN A 320 -4.86 20.51 10.56
N ILE A 321 -3.66 20.01 10.28
CA ILE A 321 -2.69 19.81 11.35
C ILE A 321 -2.27 21.14 11.95
N SER A 322 -2.11 22.17 11.12
CA SER A 322 -1.79 23.50 11.64
C SER A 322 -2.88 24.02 12.56
N GLU A 323 -4.14 23.84 12.17
CA GLU A 323 -5.25 24.31 12.99
C GLU A 323 -5.34 23.53 14.30
N SER A 324 -5.04 22.23 14.27
CA SER A 324 -5.10 21.40 15.47
C SER A 324 -4.12 21.86 16.55
C1 EDO B . -21.53 0.80 6.40
O1 EDO B . -22.08 0.20 5.22
C2 EDO B . -21.75 2.30 6.44
O2 EDO B . -20.96 2.78 7.52
C1 EDO C . 8.68 -4.97 7.35
O1 EDO C . 7.99 -6.05 6.72
C2 EDO C . 9.76 -4.46 6.41
O2 EDO C . 9.26 -4.43 5.08
#